data_8DA1
#
_entry.id   8DA1
#
_cell.length_a   148.326
_cell.length_b   63.862
_cell.length_c   77.437
_cell.angle_alpha   90.00
_cell.angle_beta   101.57
_cell.angle_gamma   90.00
#
_symmetry.space_group_name_H-M   'C 1 2 1'
#
loop_
_entity.id
_entity.type
_entity.pdbx_description
1 polymer 'Centi-LNX-D09 Fab light chain'
2 polymer 'Centi-LNX-D09 Fab heavy chain'
3 polymer Alpha-bungarotoxin
4 water water
#
loop_
_entity_poly.entity_id
_entity_poly.type
_entity_poly.pdbx_seq_one_letter_code
_entity_poly.pdbx_strand_id
1 'polypeptide(L)'
;EIVLTQSPSSLSASVGDRVTITCQASQDISNYLNWYQQKPGKAPKLLIYAASSLESGVPSRFSGSGSGTDFTLTISSQQP
EDFATYYCQQANSFPYTFGQGTKVEIKRTVAAPSVFIFPPSDEQLKSGTASVVCLLNNFYPREAKVQWKVDNALQSGNSQ
ESVTEQDSKDSTYSLSSTLTLSKADYEKHKVYACEVTHQGLSSPVTKSFNRGEC
;
A
2 'polypeptide(L)'
;EVQLVESGGGFVQPGGSLRLSCAASGFTFSNFDMHWVRQSPGKGLEWVSGLDHSGGAHYAGSVKGRFTISREDAKNSLDL
QMNNLRVDDTAVYFCVRGTLYHYTSGSYYSDAFDIWGQGTLVTVSSASVKGPSVFPLAPSSKSTSGGTAALGCLVKDYFP
EPVTVSWNSGALTSGVHTFPAVLQSSGLYSLSSVVTVPSSSLGTQTYICNVNHKPSNTKVDKKVEPKSCDKTHTGLE
;
B
3 'polypeptide(L)' IVCHTTATSPISAVTCPPGENLCYRKMWCDAFCSSRGKVVELGCAATCPSKKPYEEVTCCSTDKCNPHPKQRPG I
#
# COMPACT_ATOMS: atom_id res chain seq x y z
N GLU A 1 21.63 5.27 13.80
CA GLU A 1 20.32 4.91 13.30
C GLU A 1 19.76 3.69 14.04
N ILE A 2 18.50 3.79 14.46
CA ILE A 2 17.84 2.69 15.18
C ILE A 2 17.11 1.82 14.16
N VAL A 3 17.27 0.51 14.30
CA VAL A 3 16.74 -0.48 13.37
C VAL A 3 15.56 -1.18 14.02
N LEU A 4 14.50 -1.40 13.25
CA LEU A 4 13.28 -2.03 13.73
C LEU A 4 13.04 -3.31 12.94
N THR A 5 12.77 -4.42 13.64
CA THR A 5 12.54 -5.72 13.03
C THR A 5 11.25 -6.30 13.59
N GLN A 6 10.30 -6.61 12.72
CA GLN A 6 9.02 -7.15 13.12
C GLN A 6 9.01 -8.67 12.96
N SER A 7 8.16 -9.32 13.76
CA SER A 7 8.10 -10.77 13.74
C SER A 7 6.69 -11.22 14.06
N PRO A 8 6.08 -12.08 13.23
CA PRO A 8 6.68 -12.55 11.97
C PRO A 8 6.44 -11.53 10.86
N SER A 9 6.81 -11.86 9.61
CA SER A 9 6.49 -10.98 8.50
C SER A 9 5.10 -11.25 7.96
N SER A 10 4.65 -12.49 8.05
CA SER A 10 3.30 -12.87 7.65
C SER A 10 2.73 -13.83 8.68
N LEU A 11 1.42 -13.77 8.87
CA LEU A 11 0.76 -14.67 9.81
C LEU A 11 -0.70 -14.78 9.40
N SER A 12 -1.25 -15.99 9.55
CA SER A 12 -2.64 -16.27 9.22
C SER A 12 -3.47 -16.28 10.49
N ALA A 13 -4.74 -15.91 10.35
CA ALA A 13 -5.63 -15.84 11.50
C ALA A 13 -7.08 -15.91 11.03
N SER A 14 -7.92 -16.50 11.87
CA SER A 14 -9.35 -16.54 11.63
C SER A 14 -10.04 -15.36 12.30
N VAL A 15 -11.26 -15.07 11.84
CA VAL A 15 -12.06 -14.03 12.47
C VAL A 15 -12.42 -14.48 13.88
N GLY A 16 -12.00 -13.71 14.88
CA GLY A 16 -12.13 -14.07 16.27
C GLY A 16 -10.83 -14.47 16.93
N ASP A 17 -9.79 -14.74 16.14
CA ASP A 17 -8.48 -15.09 16.69
C ASP A 17 -7.89 -13.92 17.45
N ARG A 18 -7.02 -14.23 18.40
CA ARG A 18 -6.20 -13.22 19.06
C ARG A 18 -4.87 -13.15 18.32
N VAL A 19 -4.60 -12.00 17.71
CA VAL A 19 -3.41 -11.79 16.87
C VAL A 19 -2.39 -11.00 17.67
N THR A 20 -1.13 -11.41 17.60
CA THR A 20 -0.05 -10.78 18.35
C THR A 20 1.15 -10.57 17.45
N ILE A 21 1.51 -9.30 17.24
CA ILE A 21 2.68 -8.92 16.46
C ILE A 21 3.68 -8.29 17.40
N THR A 22 4.95 -8.69 17.28
CA THR A 22 6.02 -8.11 18.07
C THR A 22 6.95 -7.29 17.19
N CYS A 23 7.65 -6.35 17.82
CA CYS A 23 8.51 -5.40 17.11
C CYS A 23 9.70 -5.12 18.00
N GLN A 24 10.90 -5.27 17.46
CA GLN A 24 12.12 -5.18 18.25
C GLN A 24 13.07 -4.16 17.64
N ALA A 25 13.67 -3.35 18.50
CA ALA A 25 14.56 -2.26 18.08
C ALA A 25 16.01 -2.59 18.39
N SER A 26 16.91 -1.90 17.69
CA SER A 26 18.34 -2.12 17.86
C SER A 26 18.87 -1.54 19.16
N GLN A 27 18.10 -0.74 19.88
CA GLN A 27 18.46 -0.27 21.21
C GLN A 27 17.21 0.27 21.89
N ASP A 28 17.39 0.75 23.13
CA ASP A 28 16.27 1.20 23.94
C ASP A 28 15.66 2.48 23.36
N ILE A 29 14.32 2.51 23.29
CA ILE A 29 13.61 3.65 22.72
C ILE A 29 12.50 4.10 23.66
N SER A 30 12.52 3.60 24.90
CA SER A 30 11.50 3.89 25.92
C SER A 30 10.15 3.44 25.37
N ASN A 31 9.12 4.28 25.34
CA ASN A 31 7.84 3.91 24.75
C ASN A 31 7.49 4.82 23.58
N TYR A 32 8.51 5.32 22.87
CA TYR A 32 8.30 6.16 21.70
C TYR A 32 8.20 5.28 20.46
N LEU A 33 7.10 4.53 20.40
CA LEU A 33 6.85 3.61 19.30
C LEU A 33 5.40 3.74 18.84
N ASN A 34 5.21 3.81 17.52
CA ASN A 34 3.89 3.95 16.93
C ASN A 34 3.58 2.73 16.08
N TRP A 35 2.28 2.48 15.90
CA TRP A 35 1.79 1.39 15.06
C TRP A 35 0.86 1.96 14.00
N TYR A 36 1.06 1.52 12.76
CA TYR A 36 0.27 1.98 11.62
C TYR A 36 -0.34 0.79 10.91
N GLN A 37 -1.56 0.98 10.38
CA GLN A 37 -2.24 0.00 9.56
C GLN A 37 -2.26 0.48 8.12
N GLN A 38 -2.04 -0.44 7.17
CA GLN A 38 -2.07 -0.09 5.76
C GLN A 38 -2.74 -1.20 4.96
N LYS A 39 -3.78 -0.84 4.21
CA LYS A 39 -4.44 -1.62 3.18
C LYS A 39 -3.76 -1.38 1.84
N PRO A 40 -3.80 -2.34 0.92
CA PRO A 40 -3.13 -2.17 -0.37
C PRO A 40 -3.71 -1.00 -1.16
N GLY A 41 -2.83 -0.27 -1.84
CA GLY A 41 -3.23 0.89 -2.61
C GLY A 41 -3.70 2.06 -1.79
N LYS A 42 -3.47 2.05 -0.48
CA LYS A 42 -3.95 3.10 0.41
C LYS A 42 -2.81 3.53 1.33
N ALA A 43 -2.88 4.79 1.73
CA ALA A 43 -1.93 5.35 2.68
C ALA A 43 -2.06 4.68 4.04
N PRO A 44 -0.99 4.64 4.82
CA PRO A 44 -1.10 4.13 6.19
C PRO A 44 -1.97 5.01 7.08
N LYS A 45 -2.54 4.39 8.10
CA LYS A 45 -3.35 5.07 9.09
C LYS A 45 -2.76 4.83 10.48
N LEU A 46 -2.67 5.88 11.28
CA LEU A 46 -2.12 5.76 12.63
C LEU A 46 -3.08 5.01 13.53
N LEU A 47 -2.55 4.05 14.29
CA LEU A 47 -3.36 3.26 15.21
C LEU A 47 -2.94 3.47 16.66
N ILE A 48 -1.66 3.25 16.99
CA ILE A 48 -1.16 3.39 18.35
C ILE A 48 -0.05 4.43 18.36
N TYR A 49 -0.01 5.24 19.40
CA TYR A 49 1.16 6.06 19.72
C TYR A 49 1.51 5.82 21.18
N ALA A 50 2.73 6.24 21.55
CA ALA A 50 3.27 6.02 22.89
C ALA A 50 3.22 4.54 23.28
N ALA A 51 3.35 3.66 22.29
CA ALA A 51 3.41 2.21 22.46
C ALA A 51 2.12 1.61 23.01
N SER A 52 1.25 2.43 23.59
CA SER A 52 0.07 1.90 24.27
C SER A 52 -1.21 2.70 24.09
N SER A 53 -1.15 3.98 23.71
CA SER A 53 -2.34 4.82 23.65
C SER A 53 -3.03 4.69 22.29
N LEU A 54 -4.33 4.45 22.33
CA LEU A 54 -5.11 4.36 21.10
C LEU A 54 -5.41 5.75 20.54
N GLU A 55 -5.37 5.87 19.22
CA GLU A 55 -5.76 7.09 18.54
C GLU A 55 -7.27 7.12 18.38
N SER A 56 -7.86 8.29 18.59
CA SER A 56 -9.32 8.42 18.66
C SER A 56 -9.99 7.84 17.43
N GLY A 57 -11.05 7.07 17.65
CA GLY A 57 -11.75 6.38 16.60
C GLY A 57 -11.35 4.93 16.41
N VAL A 58 -10.19 4.53 16.91
CA VAL A 58 -9.73 3.16 16.76
C VAL A 58 -10.52 2.26 17.72
N PRO A 59 -11.01 1.10 17.27
CA PRO A 59 -11.75 0.22 18.18
C PRO A 59 -10.88 -0.24 19.33
N SER A 60 -11.52 -0.48 20.48
CA SER A 60 -10.79 -0.81 21.69
C SER A 60 -10.20 -2.22 21.68
N ARG A 61 -10.52 -3.04 20.67
CA ARG A 61 -9.91 -4.36 20.57
C ARG A 61 -8.42 -4.29 20.27
N PHE A 62 -7.92 -3.14 19.82
CA PHE A 62 -6.49 -2.95 19.63
C PHE A 62 -5.83 -2.55 20.94
N SER A 63 -4.62 -3.05 21.17
CA SER A 63 -3.86 -2.70 22.35
C SER A 63 -2.39 -2.87 22.06
N GLY A 64 -1.56 -2.04 22.71
CA GLY A 64 -0.13 -2.11 22.53
C GLY A 64 0.61 -2.13 23.84
N SER A 65 1.53 -3.08 24.00
CA SER A 65 2.34 -3.21 25.19
C SER A 65 3.81 -3.02 24.85
N GLY A 66 4.62 -2.90 25.89
CA GLY A 66 6.05 -2.96 25.67
C GLY A 66 6.74 -1.64 25.96
N SER A 67 7.96 -1.74 26.46
CA SER A 67 8.86 -0.61 26.60
C SER A 67 10.28 -1.12 26.41
N GLY A 68 11.20 -0.19 26.14
CA GLY A 68 12.58 -0.57 25.92
C GLY A 68 12.86 -0.99 24.49
N THR A 69 13.09 -2.28 24.27
CA THR A 69 13.39 -2.81 22.95
C THR A 69 12.36 -3.78 22.41
N ASP A 70 11.46 -4.30 23.24
CA ASP A 70 10.45 -5.26 22.82
C ASP A 70 9.07 -4.65 22.94
N PHE A 71 8.28 -4.76 21.87
CA PHE A 71 6.96 -4.16 21.82
C PHE A 71 5.98 -5.14 21.19
N THR A 72 4.70 -4.93 21.48
CA THR A 72 3.66 -5.88 21.09
C THR A 72 2.41 -5.13 20.67
N LEU A 73 1.86 -5.51 19.53
CA LEU A 73 0.54 -5.07 19.09
C LEU A 73 -0.41 -6.27 19.14
N THR A 74 -1.60 -6.07 19.70
CA THR A 74 -2.53 -7.18 19.91
C THR A 74 -3.93 -6.80 19.48
N ILE A 75 -4.52 -7.63 18.64
CA ILE A 75 -5.94 -7.55 18.29
C ILE A 75 -6.65 -8.66 19.05
N SER A 76 -7.49 -8.28 20.01
CA SER A 76 -8.08 -9.28 20.90
C SER A 76 -9.14 -10.11 20.17
N SER A 77 -9.92 -9.48 19.29
CA SER A 77 -10.97 -10.17 18.54
C SER A 77 -10.84 -9.79 17.07
N GLN A 78 -10.27 -10.69 16.26
CA GLN A 78 -10.00 -10.37 14.87
C GLN A 78 -11.29 -10.23 14.09
N GLN A 79 -11.40 -9.13 13.34
CA GLN A 79 -12.53 -8.80 12.50
C GLN A 79 -12.07 -8.75 11.05
N PRO A 80 -12.99 -8.89 10.08
CA PRO A 80 -12.58 -8.81 8.67
C PRO A 80 -11.90 -7.50 8.33
N GLU A 81 -12.35 -6.41 8.96
CA GLU A 81 -11.82 -5.07 8.73
C GLU A 81 -10.33 -5.00 9.08
N ASP A 82 -9.85 -5.94 9.90
CA ASP A 82 -8.51 -5.87 10.48
C ASP A 82 -7.46 -6.63 9.68
N PHE A 83 -7.78 -7.10 8.48
CA PHE A 83 -6.81 -7.82 7.66
C PHE A 83 -6.06 -6.80 6.80
N ALA A 84 -4.82 -6.51 7.19
CA ALA A 84 -4.00 -5.52 6.49
C ALA A 84 -2.54 -5.81 6.80
N THR A 85 -1.68 -4.84 6.51
CA THR A 85 -0.26 -4.90 6.87
C THR A 85 0.01 -3.86 7.93
N TYR A 86 0.74 -4.26 8.97
CA TYR A 86 0.98 -3.42 10.13
C TYR A 86 2.46 -3.06 10.23
N TYR A 87 2.72 -1.79 10.55
CA TYR A 87 4.08 -1.26 10.65
C TYR A 87 4.27 -0.61 12.01
N CYS A 88 5.43 -0.86 12.61
CA CYS A 88 5.85 -0.10 13.79
C CYS A 88 6.85 0.98 13.37
N GLN A 89 6.89 2.06 14.14
CA GLN A 89 7.75 3.20 13.81
C GLN A 89 8.23 3.83 15.11
N GLN A 90 9.53 4.06 15.20
CA GLN A 90 10.11 4.67 16.40
C GLN A 90 10.24 6.17 16.19
N ALA A 91 9.94 6.92 17.25
CA ALA A 91 10.07 8.37 17.25
C ALA A 91 11.01 8.84 18.36
N ASN A 92 12.02 8.02 18.69
CA ASN A 92 12.96 8.32 19.75
C ASN A 92 14.19 9.07 19.26
N SER A 93 14.79 8.61 18.17
CA SER A 93 15.97 9.22 17.60
C SER A 93 15.74 9.54 16.14
N PHE A 94 16.63 10.36 15.58
CA PHE A 94 16.60 10.79 14.20
C PHE A 94 17.60 9.99 13.38
N PRO A 95 17.22 9.49 12.19
CA PRO A 95 15.91 9.68 11.55
C PRO A 95 14.86 8.70 12.04
N TYR A 96 13.59 9.03 11.79
CA TYR A 96 12.51 8.08 12.06
C TYR A 96 12.68 6.85 11.19
N THR A 97 12.40 5.68 11.77
CA THR A 97 12.56 4.43 11.05
C THR A 97 11.36 3.54 11.30
N PHE A 98 11.06 2.70 10.31
CA PHE A 98 9.93 1.78 10.34
C PHE A 98 10.43 0.34 10.29
N GLY A 99 9.57 -0.57 10.73
CA GLY A 99 9.84 -1.98 10.55
C GLY A 99 9.53 -2.42 9.12
N GLN A 100 9.91 -3.66 8.82
CA GLN A 100 9.67 -4.18 7.47
C GLN A 100 8.20 -4.39 7.19
N GLY A 101 7.36 -4.47 8.22
CA GLY A 101 5.95 -4.67 8.03
C GLY A 101 5.54 -6.12 8.25
N THR A 102 4.29 -6.31 8.67
CA THR A 102 3.73 -7.63 8.94
C THR A 102 2.34 -7.73 8.31
N LYS A 103 2.16 -8.67 7.40
CA LYS A 103 0.87 -8.89 6.76
C LYS A 103 0.06 -9.89 7.57
N VAL A 104 -1.19 -9.55 7.85
CA VAL A 104 -2.14 -10.45 8.50
C VAL A 104 -3.07 -10.97 7.42
N GLU A 105 -2.98 -12.28 7.14
CA GLU A 105 -3.74 -12.92 6.09
C GLU A 105 -4.84 -13.79 6.68
N ILE A 106 -5.82 -14.11 5.84
CA ILE A 106 -6.99 -14.88 6.27
C ILE A 106 -6.65 -16.37 6.21
N LYS A 107 -6.89 -17.07 7.32
CA LYS A 107 -6.70 -18.51 7.34
C LYS A 107 -7.93 -19.21 6.75
N ARG A 108 -7.68 -20.28 5.99
CA ARG A 108 -8.76 -21.07 5.43
C ARG A 108 -8.22 -22.48 5.17
N THR A 109 -9.09 -23.33 4.64
CA THR A 109 -8.73 -24.71 4.38
C THR A 109 -7.85 -24.81 3.13
N VAL A 110 -7.04 -25.87 3.09
CA VAL A 110 -6.15 -26.10 1.95
C VAL A 110 -6.98 -26.26 0.68
N ALA A 111 -6.54 -25.62 -0.39
CA ALA A 111 -7.18 -25.74 -1.69
C ALA A 111 -6.14 -25.99 -2.75
N ALA A 112 -6.27 -27.11 -3.47
CA ALA A 112 -5.38 -27.40 -4.58
C ALA A 112 -5.65 -26.45 -5.73
N PRO A 113 -4.62 -26.11 -6.51
CA PRO A 113 -4.83 -25.18 -7.63
C PRO A 113 -5.25 -25.87 -8.91
N SER A 114 -6.22 -25.25 -9.59
CA SER A 114 -6.49 -25.59 -10.98
C SER A 114 -5.36 -25.04 -11.84
N VAL A 115 -4.78 -25.89 -12.68
CA VAL A 115 -3.60 -25.56 -13.47
C VAL A 115 -4.01 -25.43 -14.93
N PHE A 116 -3.75 -24.27 -15.52
CA PHE A 116 -4.06 -24.01 -16.91
C PHE A 116 -2.80 -23.52 -17.63
N ILE A 117 -2.69 -23.87 -18.90
CA ILE A 117 -1.52 -23.51 -19.71
C ILE A 117 -2.02 -22.90 -21.01
N PHE A 118 -1.29 -21.89 -21.51
CA PHE A 118 -1.68 -21.17 -22.71
C PHE A 118 -0.49 -21.11 -23.68
N PRO A 119 -0.67 -21.53 -24.92
CA PRO A 119 0.39 -21.38 -25.92
C PRO A 119 0.49 -19.94 -26.39
N PRO A 120 1.61 -19.54 -26.99
CA PRO A 120 1.70 -18.18 -27.54
C PRO A 120 0.73 -18.01 -28.71
N SER A 121 0.14 -16.83 -28.79
CA SER A 121 -0.79 -16.52 -29.86
C SER A 121 -0.05 -16.34 -31.19
N ASP A 122 -0.78 -16.49 -32.28
CA ASP A 122 -0.24 -16.17 -33.60
C ASP A 122 0.26 -14.74 -33.67
N GLU A 123 -0.40 -13.84 -32.94
CA GLU A 123 -0.03 -12.43 -32.98
C GLU A 123 1.37 -12.22 -32.40
N GLN A 124 1.68 -12.88 -31.28
CA GLN A 124 3.01 -12.70 -30.70
C GLN A 124 4.08 -13.37 -31.54
N LEU A 125 3.75 -14.51 -32.17
CA LEU A 125 4.73 -15.20 -33.00
C LEU A 125 5.17 -14.36 -34.20
N LYS A 126 4.31 -13.46 -34.67
CA LYS A 126 4.70 -12.62 -35.80
C LYS A 126 5.89 -11.74 -35.46
N SER A 127 5.94 -11.24 -34.23
CA SER A 127 6.98 -10.31 -33.81
C SER A 127 8.27 -11.00 -33.38
N GLY A 128 8.40 -12.31 -33.63
CA GLY A 128 9.62 -13.02 -33.28
C GLY A 128 9.78 -13.36 -31.83
N THR A 129 8.70 -13.31 -31.05
CA THR A 129 8.74 -13.63 -29.63
C THR A 129 7.63 -14.63 -29.32
N ALA A 130 7.92 -15.59 -28.45
CA ALA A 130 6.95 -16.59 -28.03
C ALA A 130 6.94 -16.66 -26.50
N SER A 131 5.75 -16.50 -25.92
CA SER A 131 5.58 -16.57 -24.48
C SER A 131 4.55 -17.64 -24.14
N VAL A 132 4.96 -18.61 -23.32
CA VAL A 132 4.07 -19.61 -22.75
C VAL A 132 3.71 -19.21 -21.34
N VAL A 133 2.44 -19.33 -21.00
CA VAL A 133 1.91 -18.85 -19.72
C VAL A 133 1.27 -20.03 -18.98
N CYS A 134 1.62 -20.18 -17.70
CA CYS A 134 1.03 -21.20 -16.84
C CYS A 134 0.26 -20.50 -15.72
N LEU A 135 -0.95 -20.98 -15.44
CA LEU A 135 -1.85 -20.32 -14.49
C LEU A 135 -2.26 -21.29 -13.40
N LEU A 136 -1.99 -20.93 -12.16
CA LEU A 136 -2.47 -21.64 -10.98
C LEU A 136 -3.57 -20.79 -10.34
N ASN A 137 -4.77 -21.33 -10.24
CA ASN A 137 -5.93 -20.55 -9.84
C ASN A 137 -6.52 -21.08 -8.54
N ASN A 138 -6.89 -20.14 -7.66
CA ASN A 138 -7.67 -20.40 -6.45
C ASN A 138 -7.08 -21.54 -5.63
N PHE A 139 -5.93 -21.26 -5.02
CA PHE A 139 -5.25 -22.22 -4.17
C PHE A 139 -4.87 -21.56 -2.85
N TYR A 140 -4.63 -22.42 -1.84
CA TYR A 140 -4.22 -21.99 -0.52
C TYR A 140 -3.54 -23.18 0.13
N PRO A 141 -2.41 -23.00 0.83
CA PRO A 141 -1.74 -21.70 1.04
C PRO A 141 -1.00 -21.20 -0.20
N ARG A 142 -0.31 -20.07 -0.01
CA ARG A 142 0.32 -19.32 -1.09
C ARG A 142 1.55 -20.02 -1.67
N GLU A 143 2.13 -20.97 -0.95
CA GLU A 143 3.43 -21.51 -1.30
C GLU A 143 3.30 -22.55 -2.42
N ALA A 144 3.94 -22.30 -3.56
CA ALA A 144 3.85 -23.19 -4.71
C ALA A 144 5.11 -23.08 -5.56
N LYS A 145 5.50 -24.20 -6.17
CA LYS A 145 6.64 -24.27 -7.08
C LYS A 145 6.18 -24.60 -8.49
N VAL A 146 6.90 -24.05 -9.48
CA VAL A 146 6.57 -24.24 -10.89
C VAL A 146 7.87 -24.48 -11.65
N GLN A 147 7.98 -25.62 -12.30
CA GLN A 147 9.05 -25.90 -13.26
C GLN A 147 8.54 -25.74 -14.68
N TRP A 148 9.46 -25.39 -15.58
CA TRP A 148 9.18 -25.37 -17.01
C TRP A 148 10.06 -26.42 -17.69
N LYS A 149 9.44 -27.32 -18.44
CA LYS A 149 10.16 -28.35 -19.18
C LYS A 149 9.85 -28.19 -20.66
N VAL A 150 10.89 -27.92 -21.45
CA VAL A 150 10.78 -27.85 -22.91
C VAL A 150 11.45 -29.09 -23.47
N ASP A 151 10.68 -29.94 -24.15
CA ASP A 151 11.12 -31.26 -24.58
C ASP A 151 11.73 -32.04 -23.41
N ASN A 152 11.08 -31.96 -22.24
CA ASN A 152 11.41 -32.67 -21.02
C ASN A 152 12.76 -32.25 -20.44
N ALA A 153 13.35 -31.16 -20.92
CA ALA A 153 14.54 -30.57 -20.32
C ALA A 153 14.12 -29.41 -19.43
N LEU A 154 14.66 -29.38 -18.21
CA LEU A 154 14.36 -28.29 -17.30
C LEU A 154 14.77 -26.95 -17.94
N GLN A 155 14.25 -25.87 -17.36
CA GLN A 155 14.53 -24.54 -17.85
C GLN A 155 14.93 -23.64 -16.69
N SER A 156 15.85 -22.72 -16.96
CA SER A 156 16.39 -21.84 -15.92
C SER A 156 16.69 -20.49 -16.55
N GLY A 157 16.25 -19.43 -15.89
CA GLY A 157 16.58 -18.08 -16.33
C GLY A 157 15.78 -17.55 -17.48
N ASN A 158 14.62 -18.15 -17.80
CA ASN A 158 13.77 -17.64 -18.87
C ASN A 158 12.31 -17.64 -18.47
N SER A 159 12.02 -17.42 -17.19
CA SER A 159 10.65 -17.40 -16.71
C SER A 159 10.53 -16.47 -15.51
N GLN A 160 9.35 -15.87 -15.37
CA GLN A 160 9.03 -15.04 -14.22
C GLN A 160 7.56 -15.24 -13.87
N GLU A 161 7.22 -14.92 -12.62
CA GLU A 161 5.89 -15.20 -12.10
C GLU A 161 5.41 -14.05 -11.23
N SER A 162 4.11 -14.02 -11.00
CA SER A 162 3.47 -13.02 -10.16
C SER A 162 2.29 -13.65 -9.45
N VAL A 163 2.07 -13.27 -8.20
CA VAL A 163 1.02 -13.83 -7.36
C VAL A 163 0.01 -12.74 -7.04
N THR A 164 -1.27 -13.08 -7.17
CA THR A 164 -2.31 -12.13 -6.82
C THR A 164 -2.36 -11.91 -5.32
N GLU A 165 -2.91 -10.76 -4.93
CA GLU A 165 -3.21 -10.52 -3.53
C GLU A 165 -4.48 -11.28 -3.16
N GLN A 166 -4.52 -11.75 -1.92
CA GLN A 166 -5.54 -12.69 -1.47
C GLN A 166 -6.94 -12.23 -1.84
N ASP A 167 -7.72 -13.15 -2.42
CA ASP A 167 -9.07 -12.85 -2.89
C ASP A 167 -9.99 -12.53 -1.71
N SER A 168 -10.88 -11.56 -1.91
CA SER A 168 -11.74 -11.12 -0.82
C SER A 168 -12.96 -12.02 -0.63
N LYS A 169 -13.33 -12.81 -1.64
CA LYS A 169 -14.50 -13.67 -1.56
C LYS A 169 -14.18 -15.04 -0.97
N ASP A 170 -13.25 -15.77 -1.58
CA ASP A 170 -12.91 -17.12 -1.11
C ASP A 170 -11.58 -17.20 -0.37
N SER A 171 -10.75 -16.16 -0.43
CA SER A 171 -9.50 -16.07 0.33
C SER A 171 -8.44 -17.06 -0.16
N THR A 172 -8.38 -17.26 -1.48
CA THR A 172 -7.29 -18.02 -2.08
C THR A 172 -6.34 -17.08 -2.82
N TYR A 173 -5.38 -17.66 -3.52
CA TYR A 173 -4.39 -16.94 -4.29
C TYR A 173 -4.41 -17.43 -5.73
N SER A 174 -3.64 -16.76 -6.57
CA SER A 174 -3.47 -17.19 -7.96
C SER A 174 -2.05 -16.81 -8.40
N LEU A 175 -1.51 -17.60 -9.32
CA LEU A 175 -0.15 -17.42 -9.79
C LEU A 175 -0.13 -17.54 -11.31
N SER A 176 0.73 -16.74 -11.95
CA SER A 176 0.92 -16.82 -13.39
C SER A 176 2.42 -16.80 -13.68
N SER A 177 2.94 -17.91 -14.18
CA SER A 177 4.34 -18.01 -14.58
C SER A 177 4.43 -17.90 -16.10
N THR A 178 5.44 -17.17 -16.57
CA THR A 178 5.56 -16.82 -17.98
C THR A 178 6.93 -17.23 -18.49
N LEU A 179 6.97 -18.25 -19.35
CA LEU A 179 8.19 -18.68 -20.03
C LEU A 179 8.24 -18.01 -21.40
N THR A 180 9.31 -17.25 -21.66
CA THR A 180 9.45 -16.48 -22.88
C THR A 180 10.71 -16.91 -23.62
N LEU A 181 10.54 -17.25 -24.91
CA LEU A 181 11.64 -17.61 -25.79
C LEU A 181 11.54 -16.76 -27.04
N SER A 182 12.44 -17.00 -27.99
CA SER A 182 12.33 -16.43 -29.31
C SER A 182 11.48 -17.34 -30.19
N LYS A 183 11.04 -16.80 -31.33
CA LYS A 183 10.35 -17.64 -32.30
C LYS A 183 11.27 -18.72 -32.85
N ALA A 184 12.57 -18.44 -32.90
CA ALA A 184 13.54 -19.46 -33.32
C ALA A 184 13.61 -20.60 -32.32
N ASP A 185 13.84 -20.27 -31.04
CA ASP A 185 13.90 -21.29 -30.01
C ASP A 185 12.57 -22.03 -29.87
N TYR A 186 11.46 -21.32 -30.05
CA TYR A 186 10.16 -21.97 -29.92
C TYR A 186 9.93 -23.02 -31.01
N GLU A 187 10.57 -22.86 -32.18
CA GLU A 187 10.26 -23.76 -33.28
C GLU A 187 11.11 -25.03 -33.29
N LYS A 188 12.26 -25.05 -32.62
CA LYS A 188 13.11 -26.25 -32.57
C LYS A 188 12.58 -27.34 -31.65
N HIS A 189 11.51 -27.07 -30.88
CA HIS A 189 11.00 -28.02 -29.90
C HIS A 189 9.53 -28.28 -30.12
N LYS A 190 9.06 -29.39 -29.57
CA LYS A 190 7.68 -29.86 -29.74
C LYS A 190 6.84 -29.77 -28.48
N VAL A 191 7.37 -30.15 -27.33
CA VAL A 191 6.60 -30.28 -26.10
C VAL A 191 6.96 -29.12 -25.17
N TYR A 192 5.93 -28.45 -24.66
CA TYR A 192 6.08 -27.39 -23.67
C TYR A 192 5.19 -27.73 -22.47
N ALA A 193 5.81 -27.95 -21.32
CA ALA A 193 5.11 -28.48 -20.15
C ALA A 193 5.34 -27.59 -18.94
N CYS A 194 4.36 -27.61 -18.04
CA CYS A 194 4.38 -26.86 -16.80
C CYS A 194 4.20 -27.84 -15.65
N GLU A 195 5.19 -27.89 -14.74
CA GLU A 195 5.18 -28.81 -13.61
C GLU A 195 4.97 -28.04 -12.32
N VAL A 196 3.97 -28.45 -11.54
CA VAL A 196 3.49 -27.68 -10.40
C VAL A 196 3.58 -28.55 -9.14
N THR A 197 4.22 -28.02 -8.10
CA THR A 197 4.27 -28.63 -6.78
C THR A 197 3.55 -27.74 -5.78
N HIS A 198 2.61 -28.31 -5.03
CA HIS A 198 1.87 -27.54 -4.04
C HIS A 198 1.43 -28.45 -2.90
N GLN A 199 1.25 -27.85 -1.73
CA GLN A 199 0.87 -28.58 -0.53
C GLN A 199 -0.44 -29.34 -0.70
N GLY A 200 -1.37 -28.80 -1.47
CA GLY A 200 -2.66 -29.43 -1.64
C GLY A 200 -2.72 -30.56 -2.65
N LEU A 201 -1.57 -31.03 -3.14
CA LEU A 201 -1.51 -32.09 -4.12
C LEU A 201 -0.72 -33.27 -3.56
N SER A 202 -1.21 -34.48 -3.81
CA SER A 202 -0.48 -35.67 -3.40
C SER A 202 0.81 -35.83 -4.20
N SER A 203 0.73 -35.64 -5.51
CA SER A 203 1.88 -35.68 -6.40
C SER A 203 1.79 -34.47 -7.35
N PRO A 204 2.92 -34.06 -7.92
CA PRO A 204 2.90 -32.86 -8.76
C PRO A 204 2.05 -33.03 -10.01
N VAL A 205 1.25 -32.00 -10.30
CA VAL A 205 0.48 -31.90 -11.53
C VAL A 205 1.37 -31.43 -12.67
N THR A 206 1.15 -31.96 -13.87
CA THR A 206 1.85 -31.54 -15.07
C THR A 206 0.84 -31.28 -16.17
N LYS A 207 0.93 -30.10 -16.79
CA LYS A 207 0.13 -29.76 -17.96
C LYS A 207 1.07 -29.39 -19.10
N SER A 208 0.84 -29.98 -20.26
CA SER A 208 1.70 -29.79 -21.41
C SER A 208 0.87 -29.61 -22.66
N PHE A 209 1.52 -29.12 -23.73
CA PHE A 209 0.89 -29.04 -25.04
C PHE A 209 1.96 -29.23 -26.10
N ASN A 210 1.59 -29.93 -27.17
CA ASN A 210 2.47 -30.10 -28.31
C ASN A 210 2.26 -28.96 -29.29
N ARG A 211 3.36 -28.44 -29.82
CA ARG A 211 3.31 -27.28 -30.68
C ARG A 211 2.51 -27.58 -31.95
N GLY A 212 1.61 -26.67 -32.29
CA GLY A 212 0.66 -26.90 -33.40
C GLY A 212 -0.44 -27.89 -33.10
N GLU A 213 -0.08 -29.05 -32.56
CA GLU A 213 -1.06 -30.09 -32.22
C GLU A 213 -1.89 -29.71 -31.00
N GLU B 1 -13.47 17.82 5.50
CA GLU B 1 -12.67 17.18 6.54
C GLU B 1 -11.18 17.38 6.28
N VAL B 2 -10.36 17.21 7.33
CA VAL B 2 -8.92 17.37 7.18
C VAL B 2 -8.38 16.34 6.21
N GLN B 3 -7.48 16.77 5.33
CA GLN B 3 -7.05 15.94 4.22
C GLN B 3 -5.74 16.48 3.67
N LEU B 4 -5.02 15.61 2.95
CA LEU B 4 -3.78 15.99 2.28
C LEU B 4 -3.85 15.52 0.84
N VAL B 5 -3.52 16.42 -0.09
CA VAL B 5 -3.51 16.12 -1.52
C VAL B 5 -2.14 16.50 -2.06
N GLU B 6 -1.53 15.57 -2.80
CA GLU B 6 -0.19 15.73 -3.32
C GLU B 6 -0.21 15.45 -4.82
N SER B 7 0.72 16.08 -5.53
CA SER B 7 0.72 16.02 -6.99
C SER B 7 2.17 16.14 -7.46
N GLY B 8 2.35 16.22 -8.79
CA GLY B 8 3.66 16.38 -9.36
C GLY B 8 4.45 15.11 -9.57
N GLY B 9 3.96 13.97 -9.10
CA GLY B 9 4.67 12.72 -9.32
C GLY B 9 4.73 12.35 -10.79
N GLY B 10 5.76 11.58 -11.15
CA GLY B 10 5.91 11.19 -12.53
C GLY B 10 6.94 10.13 -12.83
N PHE B 11 7.72 10.36 -13.88
CA PHE B 11 8.53 9.32 -14.50
C PHE B 11 9.66 10.00 -15.26
N VAL B 12 10.89 9.88 -14.76
CA VAL B 12 12.02 10.62 -15.29
C VAL B 12 13.20 9.67 -15.46
N GLN B 13 14.18 10.10 -16.23
CA GLN B 13 15.43 9.41 -16.54
C GLN B 13 16.51 9.84 -15.53
N PRO B 14 17.42 8.92 -15.15
CA PRO B 14 18.39 9.25 -14.10
C PRO B 14 19.16 10.53 -14.39
N GLY B 15 19.38 11.31 -13.34
CA GLY B 15 19.88 12.67 -13.48
C GLY B 15 18.82 13.70 -13.75
N GLY B 16 17.57 13.29 -13.94
CA GLY B 16 16.49 14.20 -14.21
C GLY B 16 15.98 14.88 -12.95
N SER B 17 14.90 15.64 -13.12
CA SER B 17 14.35 16.46 -12.05
C SER B 17 12.85 16.24 -11.93
N LEU B 18 12.33 16.46 -10.72
CA LEU B 18 10.90 16.40 -10.44
C LEU B 18 10.58 17.38 -9.32
N ARG B 19 9.32 17.79 -9.27
CA ARG B 19 8.82 18.67 -8.22
C ARG B 19 7.49 18.14 -7.72
N LEU B 20 7.44 17.76 -6.45
CA LEU B 20 6.21 17.32 -5.80
C LEU B 20 5.60 18.49 -5.02
N SER B 21 4.30 18.67 -5.17
CA SER B 21 3.57 19.71 -4.46
C SER B 21 2.52 19.07 -3.58
N CYS B 22 2.31 19.65 -2.40
CA CYS B 22 1.40 19.09 -1.41
C CYS B 22 0.57 20.22 -0.81
N ALA B 23 -0.74 20.06 -0.81
CA ALA B 23 -1.66 21.05 -0.26
C ALA B 23 -2.59 20.39 0.74
N ALA B 24 -3.09 21.18 1.68
CA ALA B 24 -3.94 20.70 2.75
C ALA B 24 -5.30 21.36 2.71
N SER B 25 -6.27 20.70 3.35
CA SER B 25 -7.61 21.26 3.58
C SER B 25 -7.97 21.05 5.04
N GLY B 26 -8.53 22.08 5.67
CA GLY B 26 -8.95 22.03 7.05
C GLY B 26 -7.92 22.48 8.06
N PHE B 27 -6.69 22.76 7.62
CA PHE B 27 -5.65 23.23 8.53
C PHE B 27 -4.54 23.87 7.71
N THR B 28 -3.79 24.74 8.37
CA THR B 28 -2.59 25.35 7.79
C THR B 28 -1.40 24.46 8.11
N PHE B 29 -0.72 23.97 7.07
CA PHE B 29 0.36 23.02 7.31
C PHE B 29 1.59 23.67 7.95
N SER B 30 1.74 24.99 7.83
CA SER B 30 2.84 25.66 8.54
C SER B 30 2.64 25.65 10.04
N ASN B 31 1.45 25.30 10.52
CA ASN B 31 1.24 25.11 11.95
C ASN B 31 1.92 23.85 12.46
N PHE B 32 2.23 22.90 11.57
CA PHE B 32 2.66 21.58 11.97
C PHE B 32 4.00 21.25 11.33
N ASP B 33 4.61 20.18 11.81
CA ASP B 33 5.76 19.58 11.14
C ASP B 33 5.25 18.72 9.99
N MET B 34 5.66 19.04 8.77
CA MET B 34 5.32 18.24 7.60
C MET B 34 6.50 17.37 7.22
N HIS B 35 6.20 16.18 6.70
CA HIS B 35 7.25 15.23 6.35
C HIS B 35 6.91 14.58 5.02
N TRP B 36 7.92 13.98 4.41
CA TRP B 36 7.77 13.14 3.24
C TRP B 36 8.31 11.76 3.56
N VAL B 37 7.48 10.74 3.37
CA VAL B 37 7.86 9.35 3.57
C VAL B 37 7.59 8.61 2.26
N ARG B 38 8.60 7.89 1.77
CA ARG B 38 8.47 7.15 0.53
C ARG B 38 8.43 5.66 0.80
N GLN B 39 7.76 4.92 -0.09
CA GLN B 39 7.54 3.50 0.06
C GLN B 39 7.83 2.81 -1.26
N SER B 40 8.65 1.75 -1.22
CA SER B 40 8.95 0.94 -2.39
C SER B 40 9.32 -0.46 -1.92
N PRO B 41 9.06 -1.48 -2.73
CA PRO B 41 9.54 -2.82 -2.39
C PRO B 41 11.07 -2.89 -2.46
N GLY B 42 11.68 -3.39 -1.39
CA GLY B 42 13.12 -3.50 -1.29
C GLY B 42 13.75 -2.58 -0.26
N LYS B 43 13.07 -1.48 0.09
CA LYS B 43 13.52 -0.55 1.11
C LYS B 43 12.44 -0.16 2.12
N GLY B 44 11.19 -0.56 1.91
CA GLY B 44 10.10 -0.33 2.84
C GLY B 44 9.69 1.13 2.97
N LEU B 45 9.11 1.44 4.13
CA LEU B 45 8.78 2.82 4.48
C LEU B 45 10.04 3.54 4.95
N GLU B 46 10.33 4.68 4.34
CA GLU B 46 11.57 5.39 4.60
C GLU B 46 11.29 6.88 4.70
N TRP B 47 11.75 7.49 5.78
CA TRP B 47 11.62 8.92 5.96
C TRP B 47 12.62 9.66 5.07
N VAL B 48 12.16 10.72 4.43
CA VAL B 48 12.95 11.38 3.38
C VAL B 48 13.31 12.80 3.77
N SER B 49 12.28 13.64 3.97
CA SER B 49 12.51 15.07 4.16
C SER B 49 11.47 15.61 5.13
N GLY B 50 11.73 16.81 5.65
CA GLY B 50 10.83 17.44 6.58
C GLY B 50 10.96 18.96 6.67
N LEU B 51 9.81 19.63 6.78
CA LEU B 51 9.76 21.07 7.01
C LEU B 51 8.97 21.29 8.30
N ASP B 52 9.65 21.70 9.35
CA ASP B 52 9.01 21.77 10.66
C ASP B 52 8.19 23.06 10.80
N HIS B 53 7.58 23.21 11.98
CA HIS B 53 6.62 24.26 12.24
C HIS B 53 7.29 25.63 12.36
N SER B 54 8.61 25.66 12.20
CA SER B 54 9.40 26.88 12.31
C SER B 54 10.05 27.28 11.00
N GLY B 55 9.80 26.54 9.91
CA GLY B 55 10.41 26.83 8.63
C GLY B 55 11.72 26.14 8.36
N GLY B 56 12.24 25.36 9.31
CA GLY B 56 13.50 24.67 9.10
C GLY B 56 13.35 23.44 8.22
N ALA B 57 14.32 23.25 7.35
CA ALA B 57 14.35 22.11 6.43
C ALA B 57 15.23 20.99 6.99
N HIS B 58 14.80 19.75 6.76
CA HIS B 58 15.55 18.58 7.20
C HIS B 58 15.55 17.55 6.08
N TYR B 59 16.64 16.78 6.01
CA TYR B 59 16.83 15.82 4.92
C TYR B 59 17.51 14.57 5.45
N ALA B 60 17.15 13.43 4.86
CA ALA B 60 17.83 12.18 5.16
C ALA B 60 19.16 12.13 4.45
N GLY B 61 20.04 11.25 4.94
CA GLY B 61 21.40 11.19 4.41
C GLY B 61 21.45 10.84 2.94
N SER B 62 20.73 9.79 2.54
CA SER B 62 20.73 9.29 1.17
C SER B 62 20.03 10.22 0.20
N VAL B 63 19.74 11.46 0.56
CA VAL B 63 18.93 12.32 -0.28
C VAL B 63 19.34 13.77 -0.09
N LYS B 64 20.21 14.02 0.89
CA LYS B 64 20.68 15.38 1.15
C LYS B 64 21.57 15.84 0.01
N GLY B 65 21.48 17.13 -0.32
CA GLY B 65 22.21 17.70 -1.43
C GLY B 65 21.53 17.55 -2.78
N ARG B 66 20.50 16.72 -2.88
CA ARG B 66 19.75 16.55 -4.11
C ARG B 66 18.29 17.00 -4.02
N PHE B 67 17.69 16.92 -2.84
CA PHE B 67 16.32 17.35 -2.62
C PHE B 67 16.30 18.70 -1.92
N THR B 68 15.25 19.46 -2.19
CA THR B 68 15.01 20.74 -1.51
C THR B 68 13.52 20.85 -1.22
N ILE B 69 13.21 21.36 -0.03
CA ILE B 69 11.82 21.50 0.42
C ILE B 69 11.58 22.95 0.83
N SER B 70 10.37 23.44 0.57
CA SER B 70 10.09 24.83 0.85
C SER B 70 8.58 25.08 0.92
N ARG B 71 8.18 25.98 1.81
CA ARG B 71 6.85 26.57 1.73
C ARG B 71 6.79 27.49 0.51
N GLU B 72 5.77 27.31 -0.32
CA GLU B 72 5.51 28.29 -1.36
C GLU B 72 4.15 28.90 -1.04
N ASP B 73 4.21 30.05 -0.36
CA ASP B 73 3.04 30.75 0.18
C ASP B 73 2.07 31.19 -0.91
N ALA B 74 2.58 31.62 -2.06
CA ALA B 74 1.73 32.02 -3.17
C ALA B 74 0.94 30.85 -3.76
N LYS B 75 1.33 29.61 -3.47
CA LYS B 75 0.61 28.44 -3.92
C LYS B 75 -0.19 27.77 -2.82
N ASN B 76 0.02 28.15 -1.56
CA ASN B 76 -0.54 27.46 -0.40
C ASN B 76 -0.19 25.97 -0.44
N SER B 77 1.08 25.69 -0.68
CA SER B 77 1.52 24.32 -0.91
C SER B 77 2.90 24.09 -0.29
N LEU B 78 3.23 22.82 -0.14
CA LEU B 78 4.54 22.36 0.33
C LEU B 78 5.24 21.67 -0.83
N ASP B 79 6.37 22.21 -1.26
CA ASP B 79 7.05 21.74 -2.46
C ASP B 79 8.31 20.95 -2.11
N LEU B 80 8.61 19.97 -2.95
CA LEU B 80 9.81 19.14 -2.83
C LEU B 80 10.46 19.02 -4.20
N GLN B 81 11.56 19.73 -4.40
CA GLN B 81 12.32 19.68 -5.65
C GLN B 81 13.33 18.54 -5.56
N MET B 82 13.27 17.62 -6.52
CA MET B 82 14.12 16.43 -6.53
C MET B 82 15.02 16.48 -7.74
N ASN B 83 16.30 16.79 -7.52
CA ASN B 83 17.27 16.87 -8.60
C ASN B 83 18.24 15.69 -8.54
N ASN B 84 18.92 15.49 -9.66
CA ASN B 84 19.88 14.40 -9.84
C ASN B 84 19.30 13.09 -9.31
N LEU B 85 18.11 12.77 -9.80
CA LEU B 85 17.42 11.55 -9.40
C LEU B 85 18.15 10.32 -9.90
N ARG B 86 18.11 9.26 -9.11
CA ARG B 86 18.74 8.00 -9.45
C ARG B 86 17.71 6.88 -9.33
N VAL B 87 18.12 5.68 -9.74
CA VAL B 87 17.16 4.59 -9.93
C VAL B 87 16.54 4.17 -8.61
N ASP B 88 17.33 4.08 -7.53
CA ASP B 88 16.75 3.60 -6.28
C ASP B 88 15.75 4.57 -5.67
N ASP B 89 15.60 5.77 -6.24
CA ASP B 89 14.60 6.71 -5.75
C ASP B 89 13.19 6.36 -6.22
N THR B 90 13.03 5.32 -7.03
CA THR B 90 11.71 4.92 -7.49
C THR B 90 10.89 4.42 -6.30
N ALA B 91 9.80 5.13 -6.01
CA ALA B 91 8.96 4.79 -4.86
C ALA B 91 7.67 5.60 -4.95
N VAL B 92 6.71 5.23 -4.09
CA VAL B 92 5.52 6.03 -3.86
C VAL B 92 5.81 7.02 -2.74
N TYR B 93 5.60 8.30 -3.01
CA TYR B 93 5.94 9.36 -2.07
C TYR B 93 4.69 9.87 -1.37
N PHE B 94 4.73 9.87 -0.04
CA PHE B 94 3.62 10.34 0.79
C PHE B 94 3.99 11.67 1.44
N CYS B 95 3.07 12.62 1.40
CA CYS B 95 3.15 13.85 2.16
C CYS B 95 2.41 13.65 3.46
N VAL B 96 3.06 13.96 4.59
CA VAL B 96 2.61 13.50 5.90
C VAL B 96 2.66 14.65 6.91
N ARG B 97 1.63 14.74 7.73
CA ARG B 97 1.58 15.68 8.85
C ARG B 97 1.95 14.97 10.15
N GLY B 98 2.74 15.64 10.97
CA GLY B 98 3.07 15.13 12.28
C GLY B 98 2.07 15.57 13.34
N THR B 99 1.87 14.72 14.34
CA THR B 99 0.91 15.02 15.40
C THR B 99 1.41 16.17 16.28
N LEU B 100 0.48 17.06 16.64
CA LEU B 100 0.70 18.15 17.58
C LEU B 100 -0.24 17.95 18.76
N TYR B 101 0.31 17.53 19.89
CA TYR B 101 -0.48 17.20 21.07
C TYR B 101 -0.20 18.20 22.19
N HIS B 102 -1.26 18.67 22.84
CA HIS B 102 -1.15 19.59 23.96
C HIS B 102 -1.31 18.84 25.28
N TYR B 103 -0.44 19.15 26.24
CA TYR B 103 -0.50 18.58 27.58
C TYR B 103 -0.51 19.73 28.59
N THR B 104 -0.59 19.36 29.87
CA THR B 104 -0.46 20.38 30.92
C THR B 104 0.96 20.94 30.98
N SER B 105 1.92 20.26 30.34
CA SER B 105 3.31 20.72 30.33
C SER B 105 3.68 21.54 29.11
N GLY B 106 2.96 21.38 28.00
CA GLY B 106 3.27 22.16 26.80
C GLY B 106 2.80 21.45 25.56
N SER B 107 3.39 21.84 24.42
CA SER B 107 3.06 21.29 23.13
C SER B 107 4.19 20.39 22.63
N TYR B 108 3.82 19.24 22.07
CA TYR B 108 4.78 18.25 21.61
C TYR B 108 4.49 17.92 20.16
N TYR B 109 5.53 17.95 19.32
CA TYR B 109 5.39 17.83 17.88
C TYR B 109 5.94 16.49 17.39
N SER B 110 5.28 15.94 16.37
CA SER B 110 5.78 14.81 15.59
C SER B 110 6.12 13.60 16.45
N ASP B 111 5.28 13.34 17.46
CA ASP B 111 5.34 12.04 18.12
C ASP B 111 4.97 10.92 17.16
N ALA B 112 4.07 11.21 16.22
CA ALA B 112 3.63 10.23 15.25
C ALA B 112 3.24 10.95 13.96
N PHE B 113 2.74 10.18 13.00
CA PHE B 113 2.31 10.67 11.69
C PHE B 113 0.81 10.39 11.58
N ASP B 114 -0.02 11.42 11.77
CA ASP B 114 -1.46 11.20 11.88
C ASP B 114 -2.21 11.36 10.57
N ILE B 115 -1.83 12.32 9.72
CA ILE B 115 -2.51 12.56 8.46
C ILE B 115 -1.56 12.24 7.32
N TRP B 116 -1.97 11.32 6.45
CA TRP B 116 -1.20 10.93 5.28
C TRP B 116 -1.96 11.30 4.02
N GLY B 117 -1.24 11.77 3.01
CA GLY B 117 -1.80 12.00 1.70
C GLY B 117 -2.05 10.68 0.98
N GLN B 118 -2.57 10.79 -0.25
CA GLN B 118 -2.94 9.58 -0.99
C GLN B 118 -1.72 8.88 -1.57
N GLY B 119 -0.65 9.62 -1.87
CA GLY B 119 0.54 9.04 -2.46
C GLY B 119 0.63 9.32 -3.94
N THR B 120 1.82 9.73 -4.41
CA THR B 120 2.08 9.93 -5.83
C THR B 120 3.32 9.15 -6.22
N LEU B 121 3.30 8.56 -7.42
CA LEU B 121 4.34 7.64 -7.84
C LEU B 121 5.47 8.39 -8.55
N VAL B 122 6.70 7.97 -8.27
CA VAL B 122 7.89 8.55 -8.87
C VAL B 122 8.74 7.41 -9.43
N THR B 123 8.97 7.41 -10.73
CA THR B 123 9.70 6.35 -11.42
C THR B 123 10.95 6.94 -12.05
N VAL B 124 12.11 6.38 -11.71
CA VAL B 124 13.39 6.75 -12.33
C VAL B 124 13.95 5.50 -12.99
N SER B 125 14.16 5.57 -14.30
CA SER B 125 14.61 4.38 -15.03
C SER B 125 15.26 4.81 -16.34
N SER B 126 16.07 3.90 -16.88
CA SER B 126 16.72 4.13 -18.17
C SER B 126 15.76 3.95 -19.34
N ALA B 127 14.60 3.33 -19.11
CA ALA B 127 13.66 3.06 -20.19
C ALA B 127 12.95 4.34 -20.61
N SER B 128 12.45 4.33 -21.84
CA SER B 128 11.55 5.36 -22.35
C SER B 128 10.12 4.86 -22.31
N VAL B 129 9.18 5.79 -22.39
CA VAL B 129 7.77 5.43 -22.37
C VAL B 129 7.47 4.49 -23.53
N LYS B 130 6.67 3.46 -23.24
CA LYS B 130 6.26 2.52 -24.28
C LYS B 130 4.89 1.96 -23.95
N GLY B 131 3.98 2.01 -24.92
CA GLY B 131 2.70 1.37 -24.80
C GLY B 131 2.83 -0.13 -24.88
N PRO B 132 1.90 -0.85 -24.25
CA PRO B 132 2.02 -2.31 -24.19
C PRO B 132 1.54 -2.99 -25.44
N SER B 133 2.07 -4.20 -25.66
CA SER B 133 1.51 -5.14 -26.62
C SER B 133 0.58 -6.08 -25.87
N VAL B 134 -0.62 -6.27 -26.42
CA VAL B 134 -1.66 -7.07 -25.78
C VAL B 134 -1.85 -8.34 -26.59
N PHE B 135 -1.54 -9.48 -25.98
CA PHE B 135 -1.64 -10.77 -26.62
C PHE B 135 -2.73 -11.60 -25.94
N PRO B 136 -3.63 -12.22 -26.70
CA PRO B 136 -4.67 -13.03 -26.06
C PRO B 136 -4.12 -14.34 -25.53
N LEU B 137 -4.70 -14.79 -24.42
CA LEU B 137 -4.48 -16.12 -23.87
C LEU B 137 -5.74 -16.92 -24.19
N ALA B 138 -5.71 -17.63 -25.31
CA ALA B 138 -6.91 -18.26 -25.83
C ALA B 138 -7.32 -19.45 -24.97
N PRO B 139 -8.60 -19.60 -24.63
CA PRO B 139 -9.04 -20.81 -23.95
C PRO B 139 -9.01 -22.01 -24.88
N SER B 140 -8.69 -23.16 -24.32
CA SER B 140 -8.59 -24.40 -25.08
C SER B 140 -8.95 -25.57 -24.17
N SER B 141 -8.68 -26.79 -24.66
CA SER B 141 -8.87 -27.98 -23.84
C SER B 141 -7.89 -28.03 -22.68
N LYS B 142 -6.72 -27.40 -22.84
CA LYS B 142 -5.70 -27.35 -21.79
C LYS B 142 -5.92 -26.19 -20.83
N SER B 143 -7.02 -25.46 -20.97
CA SER B 143 -7.36 -24.36 -20.06
C SER B 143 -8.82 -24.45 -19.62
N THR B 144 -9.34 -25.67 -19.48
CA THR B 144 -10.70 -25.89 -19.01
C THR B 144 -10.68 -27.04 -18.03
N SER B 145 -11.29 -26.83 -16.85
CA SER B 145 -11.36 -27.84 -15.79
C SER B 145 -12.80 -27.92 -15.32
N GLY B 146 -13.46 -29.03 -15.66
CA GLY B 146 -14.88 -29.18 -15.32
C GLY B 146 -15.72 -28.28 -16.22
N GLY B 147 -16.58 -27.48 -15.61
CA GLY B 147 -17.38 -26.52 -16.34
C GLY B 147 -16.79 -25.14 -16.45
N THR B 148 -15.62 -24.92 -15.85
CA THR B 148 -14.99 -23.62 -15.82
C THR B 148 -13.83 -23.58 -16.82
N ALA B 149 -13.75 -22.50 -17.59
CA ALA B 149 -12.68 -22.27 -18.54
C ALA B 149 -11.93 -21.00 -18.18
N ALA B 150 -10.64 -20.95 -18.52
CA ALA B 150 -9.79 -19.80 -18.24
C ALA B 150 -9.37 -19.14 -19.54
N LEU B 151 -9.48 -17.82 -19.59
CA LEU B 151 -8.99 -17.03 -20.71
C LEU B 151 -8.45 -15.72 -20.17
N GLY B 152 -7.48 -15.15 -20.89
CA GLY B 152 -6.84 -13.96 -20.37
C GLY B 152 -6.14 -13.16 -21.44
N CYS B 153 -5.53 -12.06 -21.00
CA CYS B 153 -4.75 -11.19 -21.86
C CYS B 153 -3.33 -11.07 -21.31
N LEU B 154 -2.36 -11.10 -22.19
CA LEU B 154 -0.96 -10.94 -21.84
C LEU B 154 -0.54 -9.53 -22.26
N VAL B 155 -0.26 -8.68 -21.29
CA VAL B 155 0.09 -7.28 -21.51
C VAL B 155 1.59 -7.15 -21.27
N LYS B 156 2.37 -7.14 -22.34
CA LYS B 156 3.81 -7.29 -22.28
C LYS B 156 4.53 -6.03 -22.76
N ASP B 157 5.65 -5.72 -22.08
CA ASP B 157 6.61 -4.70 -22.51
C ASP B 157 5.97 -3.31 -22.60
N TYR B 158 5.77 -2.74 -21.41
CA TYR B 158 5.29 -1.37 -21.31
C TYR B 158 6.00 -0.67 -20.17
N PHE B 159 5.96 0.67 -20.21
CA PHE B 159 6.62 1.51 -19.22
C PHE B 159 6.10 2.93 -19.35
N PRO B 160 5.82 3.62 -18.23
CA PRO B 160 5.93 3.09 -16.87
C PRO B 160 4.62 2.55 -16.33
N GLU B 161 4.58 2.22 -15.04
CA GLU B 161 3.32 1.95 -14.38
C GLU B 161 2.47 3.21 -14.35
N PRO B 162 1.13 3.08 -14.32
CA PRO B 162 0.37 1.84 -14.35
C PRO B 162 -0.46 1.63 -15.61
N VAL B 163 -1.02 0.43 -15.76
CA VAL B 163 -2.07 0.17 -16.74
C VAL B 163 -3.32 -0.25 -15.97
N THR B 164 -4.47 0.08 -16.54
CA THR B 164 -5.74 -0.37 -16.01
C THR B 164 -6.32 -1.40 -16.97
N VAL B 165 -6.69 -2.56 -16.44
CA VAL B 165 -7.21 -3.67 -17.23
C VAL B 165 -8.63 -3.95 -16.78
N SER B 166 -9.56 -3.92 -17.72
CA SER B 166 -10.95 -4.28 -17.47
C SER B 166 -11.41 -5.26 -18.55
N TRP B 167 -12.54 -5.91 -18.28
CA TRP B 167 -13.11 -6.88 -19.20
C TRP B 167 -14.51 -6.43 -19.59
N ASN B 168 -14.75 -6.29 -20.89
CA ASN B 168 -16.04 -5.87 -21.42
C ASN B 168 -16.48 -4.53 -20.84
N SER B 169 -15.51 -3.62 -20.69
CA SER B 169 -15.75 -2.26 -20.20
C SER B 169 -16.45 -2.27 -18.84
N GLY B 170 -16.01 -3.18 -17.96
CA GLY B 170 -16.53 -3.26 -16.61
C GLY B 170 -17.71 -4.18 -16.42
N ALA B 171 -18.31 -4.69 -17.51
CA ALA B 171 -19.46 -5.56 -17.38
C ALA B 171 -19.11 -6.88 -16.71
N LEU B 172 -17.85 -7.29 -16.80
CA LEU B 172 -17.37 -8.53 -16.22
C LEU B 172 -16.40 -8.20 -15.08
N THR B 173 -16.74 -8.65 -13.87
CA THR B 173 -15.90 -8.39 -12.70
C THR B 173 -15.69 -9.65 -11.90
N SER B 174 -16.71 -10.50 -11.85
CA SER B 174 -16.62 -11.74 -11.09
C SER B 174 -15.62 -12.70 -11.74
N GLY B 175 -14.73 -13.25 -10.92
CA GLY B 175 -13.76 -14.22 -11.39
C GLY B 175 -12.53 -13.64 -12.06
N VAL B 176 -12.38 -12.32 -12.07
CA VAL B 176 -11.24 -11.69 -12.72
C VAL B 176 -10.05 -11.68 -11.78
N HIS B 177 -8.87 -11.99 -12.31
CA HIS B 177 -7.61 -11.91 -11.58
C HIS B 177 -6.61 -11.14 -12.42
N THR B 178 -6.19 -9.98 -11.93
CA THR B 178 -5.20 -9.13 -12.60
C THR B 178 -3.93 -9.15 -11.77
N PHE B 179 -2.87 -9.73 -12.31
CA PHE B 179 -1.65 -9.97 -11.56
C PHE B 179 -0.80 -8.72 -11.45
N PRO B 180 -0.04 -8.57 -10.36
CA PRO B 180 0.95 -7.50 -10.28
C PRO B 180 1.95 -7.59 -11.42
N ALA B 181 2.42 -6.43 -11.87
CA ALA B 181 3.38 -6.39 -12.95
C ALA B 181 4.75 -6.88 -12.47
N VAL B 182 5.54 -7.37 -13.42
CA VAL B 182 6.91 -7.81 -13.14
C VAL B 182 7.85 -6.99 -14.02
N LEU B 183 9.00 -6.65 -13.47
CA LEU B 183 10.00 -5.86 -14.20
C LEU B 183 10.99 -6.81 -14.86
N GLN B 184 11.07 -6.74 -16.18
CA GLN B 184 11.93 -7.62 -16.94
C GLN B 184 13.31 -7.00 -17.11
N SER B 185 14.27 -7.82 -17.52
CA SER B 185 15.64 -7.36 -17.70
C SER B 185 15.73 -6.23 -18.73
N SER B 186 14.74 -6.10 -19.60
CA SER B 186 14.69 -4.97 -20.53
C SER B 186 14.33 -3.66 -19.85
N GLY B 187 13.97 -3.69 -18.57
CA GLY B 187 13.48 -2.51 -17.90
C GLY B 187 12.03 -2.18 -18.17
N LEU B 188 11.32 -3.07 -18.85
CA LEU B 188 9.90 -2.89 -19.17
C LEU B 188 9.05 -3.79 -18.28
N TYR B 189 7.83 -3.35 -18.03
CA TYR B 189 6.90 -4.12 -17.20
C TYR B 189 6.06 -5.05 -18.06
N SER B 190 5.51 -6.07 -17.40
CA SER B 190 4.66 -7.04 -18.06
C SER B 190 3.77 -7.70 -17.01
N LEU B 191 2.47 -7.77 -17.31
CA LEU B 191 1.51 -8.44 -16.42
C LEU B 191 0.54 -9.23 -17.28
N SER B 192 -0.31 -10.00 -16.61
CA SER B 192 -1.37 -10.75 -17.26
C SER B 192 -2.65 -10.60 -16.47
N SER B 193 -3.76 -10.49 -17.17
CA SER B 193 -5.09 -10.47 -16.57
C SER B 193 -5.86 -11.68 -17.08
N VAL B 194 -6.40 -12.47 -16.17
CA VAL B 194 -7.13 -13.68 -16.51
C VAL B 194 -8.52 -13.61 -15.90
N VAL B 195 -9.37 -14.55 -16.31
CA VAL B 195 -10.74 -14.61 -15.81
C VAL B 195 -11.29 -16.01 -16.05
N THR B 196 -11.83 -16.62 -15.00
CA THR B 196 -12.45 -17.93 -15.12
C THR B 196 -13.95 -17.76 -15.37
N VAL B 197 -14.45 -18.44 -16.39
CA VAL B 197 -15.84 -18.32 -16.81
C VAL B 197 -16.41 -19.73 -16.96
N PRO B 198 -17.74 -19.84 -17.04
CA PRO B 198 -18.34 -21.12 -17.44
C PRO B 198 -17.91 -21.48 -18.87
N SER B 199 -17.48 -22.74 -19.04
CA SER B 199 -16.99 -23.16 -20.35
C SER B 199 -18.08 -23.08 -21.42
N SER B 200 -19.34 -23.19 -21.01
CA SER B 200 -20.45 -23.07 -21.96
C SER B 200 -20.66 -21.64 -22.44
N SER B 201 -20.09 -20.65 -21.74
CA SER B 201 -20.30 -19.26 -22.08
C SER B 201 -19.43 -18.79 -23.24
N LEU B 202 -18.47 -19.62 -23.69
CA LEU B 202 -17.63 -19.26 -24.82
C LEU B 202 -18.38 -19.20 -26.14
N GLY B 203 -19.67 -19.56 -26.14
CA GLY B 203 -20.48 -19.48 -27.34
C GLY B 203 -21.68 -18.57 -27.17
N THR B 204 -21.93 -18.12 -25.94
CA THR B 204 -23.02 -17.21 -25.63
C THR B 204 -22.52 -15.84 -25.19
N GLN B 205 -21.22 -15.59 -25.25
CA GLN B 205 -20.66 -14.37 -24.70
C GLN B 205 -19.32 -14.09 -25.37
N THR B 206 -19.07 -12.82 -25.67
CA THR B 206 -17.80 -12.36 -26.21
C THR B 206 -17.01 -11.66 -25.09
N TYR B 207 -15.71 -11.95 -25.02
CA TYR B 207 -14.85 -11.43 -23.97
C TYR B 207 -13.81 -10.49 -24.59
N ILE B 208 -13.85 -9.23 -24.17
CA ILE B 208 -12.91 -8.22 -24.64
C ILE B 208 -12.23 -7.60 -23.43
N CYS B 209 -10.90 -7.72 -23.37
CA CYS B 209 -10.14 -7.07 -22.31
C CYS B 209 -9.70 -5.70 -22.79
N ASN B 210 -9.75 -4.72 -21.89
CA ASN B 210 -9.43 -3.34 -22.20
C ASN B 210 -8.18 -2.94 -21.43
N VAL B 211 -7.12 -2.59 -22.15
CA VAL B 211 -5.86 -2.17 -21.55
C VAL B 211 -5.68 -0.69 -21.83
N ASN B 212 -5.59 0.10 -20.77
CA ASN B 212 -5.42 1.55 -20.86
C ASN B 212 -4.07 1.92 -20.26
N HIS B 213 -3.19 2.48 -21.09
CA HIS B 213 -1.88 2.96 -20.65
C HIS B 213 -1.88 4.48 -20.77
N LYS B 214 -2.25 5.13 -19.68
CA LYS B 214 -2.34 6.59 -19.64
C LYS B 214 -1.06 7.32 -20.03
N PRO B 215 0.14 6.88 -19.63
CA PRO B 215 1.34 7.65 -20.03
C PRO B 215 1.60 7.69 -21.52
N SER B 216 1.16 6.68 -22.29
CA SER B 216 1.42 6.64 -23.72
C SER B 216 0.19 6.92 -24.57
N ASN B 217 -0.93 7.31 -23.95
CA ASN B 217 -2.18 7.56 -24.65
C ASN B 217 -2.64 6.35 -25.45
N THR B 218 -2.36 5.15 -24.94
CA THR B 218 -2.68 3.91 -25.63
C THR B 218 -3.87 3.24 -24.96
N LYS B 219 -4.82 2.79 -25.79
CA LYS B 219 -6.02 2.10 -25.30
C LYS B 219 -6.28 0.94 -26.27
N VAL B 220 -6.10 -0.28 -25.78
CA VAL B 220 -6.19 -1.48 -26.60
C VAL B 220 -7.42 -2.28 -26.19
N ASP B 221 -8.12 -2.82 -27.18
CA ASP B 221 -9.30 -3.66 -26.97
C ASP B 221 -9.12 -4.92 -27.82
N LYS B 222 -8.76 -6.02 -27.17
CA LYS B 222 -8.44 -7.26 -27.87
C LYS B 222 -9.52 -8.29 -27.58
N LYS B 223 -10.15 -8.79 -28.65
CA LYS B 223 -11.13 -9.86 -28.53
C LYS B 223 -10.41 -11.18 -28.33
N VAL B 224 -10.82 -11.93 -27.32
CA VAL B 224 -10.16 -13.19 -26.95
C VAL B 224 -11.05 -14.33 -27.42
N GLU B 225 -10.69 -14.93 -28.55
CA GLU B 225 -11.36 -16.06 -29.17
C GLU B 225 -10.68 -17.37 -28.76
N PRO B 226 -11.44 -18.42 -28.52
CA PRO B 226 -10.83 -19.76 -28.43
C PRO B 226 -10.32 -20.19 -29.79
N LYS B 227 -9.26 -21.00 -29.77
CA LYS B 227 -8.61 -21.44 -31.01
C LYS B 227 -8.68 -22.96 -31.19
N ILE C 1 -19.63 32.93 19.85
CA ILE C 1 -18.96 32.68 21.12
C ILE C 1 -17.45 32.61 20.89
N VAL C 2 -16.67 33.21 21.81
CA VAL C 2 -15.22 33.21 21.75
C VAL C 2 -14.72 32.10 22.67
N CYS C 3 -13.78 31.30 22.17
CA CYS C 3 -13.41 30.09 22.90
C CYS C 3 -11.94 29.76 22.70
N HIS C 4 -11.28 29.31 23.76
CA HIS C 4 -9.93 28.80 23.65
C HIS C 4 -9.89 27.57 22.75
N THR C 5 -8.77 27.39 22.06
CA THR C 5 -8.64 26.28 21.11
C THR C 5 -7.23 25.74 21.12
N THR C 6 -7.13 24.41 21.07
CA THR C 6 -5.84 23.73 20.96
C THR C 6 -5.44 23.47 19.50
N ALA C 7 -6.15 24.06 18.55
CA ALA C 7 -5.75 23.94 17.14
C ALA C 7 -4.41 24.64 16.92
N THR C 8 -4.36 25.95 17.17
CA THR C 8 -3.10 26.66 17.15
C THR C 8 -2.19 26.17 18.28
N SER C 9 -0.88 26.40 18.12
CA SER C 9 0.10 25.82 19.03
C SER C 9 0.55 26.80 20.10
N PRO C 10 0.46 28.12 19.87
CA PRO C 10 0.27 29.03 21.01
C PRO C 10 -1.23 29.21 21.24
N ILE C 11 -1.77 28.54 22.26
CA ILE C 11 -3.21 28.47 22.44
C ILE C 11 -3.82 29.86 22.47
N SER C 12 -4.86 30.07 21.67
CA SER C 12 -5.49 31.36 21.51
C SER C 12 -7.00 31.21 21.63
N ALA C 13 -7.69 32.36 21.62
CA ALA C 13 -9.14 32.40 21.62
C ALA C 13 -9.63 32.76 20.23
N VAL C 14 -10.70 32.08 19.79
CA VAL C 14 -11.22 32.28 18.44
C VAL C 14 -12.74 32.40 18.49
N THR C 15 -13.28 33.24 17.60
CA THR C 15 -14.71 33.23 17.35
C THR C 15 -15.08 31.92 16.65
N CYS C 16 -16.17 31.32 17.08
CA CYS C 16 -16.49 29.97 16.64
C CYS C 16 -17.47 29.98 15.48
N PRO C 17 -17.44 28.94 14.65
CA PRO C 17 -18.33 28.88 13.48
C PRO C 17 -19.79 28.99 13.88
N PRO C 18 -20.66 29.36 12.93
CA PRO C 18 -22.08 29.51 13.26
C PRO C 18 -22.69 28.17 13.68
N GLY C 19 -23.70 28.26 14.55
CA GLY C 19 -24.35 27.08 15.10
C GLY C 19 -23.64 26.45 16.28
N GLU C 20 -22.34 26.72 16.46
CA GLU C 20 -21.57 26.20 17.59
C GLU C 20 -21.47 27.31 18.63
N ASN C 21 -22.33 27.22 19.65
CA ASN C 21 -22.37 28.20 20.72
C ASN C 21 -21.81 27.67 22.04
N LEU C 22 -21.09 26.55 22.01
CA LEU C 22 -20.62 25.90 23.22
C LEU C 22 -19.10 25.80 23.23
N CYS C 23 -18.54 25.83 24.43
CA CYS C 23 -17.13 25.60 24.68
C CYS C 23 -16.93 24.25 25.35
N TYR C 24 -15.71 23.72 25.27
CA TYR C 24 -15.48 22.46 25.97
C TYR C 24 -14.01 22.30 26.31
N ARG C 25 -13.77 21.56 27.40
CA ARG C 25 -12.46 20.99 27.72
C ARG C 25 -12.56 19.48 27.74
N LYS C 26 -11.46 18.83 27.37
CA LYS C 26 -11.30 17.39 27.53
C LYS C 26 -9.91 17.14 28.07
N MET C 27 -9.83 16.29 29.09
CA MET C 27 -8.58 15.99 29.76
C MET C 27 -8.54 14.51 30.10
N TRP C 28 -7.41 13.88 29.83
CA TRP C 28 -7.21 12.47 30.16
C TRP C 28 -5.70 12.22 30.18
N CYS C 29 -5.34 10.96 30.44
CA CYS C 29 -3.95 10.57 30.60
C CYS C 29 -3.49 9.75 29.40
N ASP C 30 -2.33 10.10 28.86
CA ASP C 30 -1.66 9.33 27.83
C ASP C 30 -0.84 8.21 28.46
N ALA C 31 -0.06 7.51 27.64
CA ALA C 31 1.08 6.77 28.14
C ALA C 31 2.28 7.68 28.38
N PHE C 32 2.13 8.98 28.12
CA PHE C 32 3.12 10.00 28.42
C PHE C 32 2.76 10.81 29.66
N CYS C 33 1.76 10.37 30.43
CA CYS C 33 1.20 11.21 31.48
C CYS C 33 2.20 11.46 32.61
N SER C 34 2.92 10.42 33.03
CA SER C 34 3.85 10.56 34.15
C SER C 34 5.03 11.48 33.84
N SER C 35 5.23 11.85 32.57
CA SER C 35 6.33 12.72 32.18
C SER C 35 5.89 14.00 31.46
N ARG C 36 4.61 14.10 31.08
CA ARG C 36 4.09 15.29 30.41
C ARG C 36 2.83 15.84 31.04
N GLY C 37 2.22 15.14 31.98
CA GLY C 37 0.94 15.55 32.50
C GLY C 37 -0.20 15.06 31.62
N LYS C 38 -1.37 15.61 31.87
CA LYS C 38 -2.59 15.16 31.20
C LYS C 38 -2.74 15.85 29.84
N VAL C 39 -3.32 15.10 28.89
CA VAL C 39 -3.68 15.66 27.60
C VAL C 39 -4.78 16.70 27.79
N VAL C 40 -4.73 17.75 26.99
CA VAL C 40 -5.72 18.82 27.06
C VAL C 40 -6.22 19.08 25.64
N GLU C 41 -7.54 19.17 25.48
CA GLU C 41 -8.14 19.45 24.18
C GLU C 41 -9.20 20.53 24.35
N LEU C 42 -9.09 21.60 23.55
CA LEU C 42 -9.90 22.80 23.66
C LEU C 42 -10.52 23.12 22.30
N GLY C 43 -11.74 23.64 22.32
CA GLY C 43 -12.39 24.01 21.07
C GLY C 43 -13.87 24.30 21.29
N CYS C 44 -14.61 24.32 20.17
CA CYS C 44 -16.04 24.59 20.18
C CYS C 44 -16.82 23.37 19.71
N ALA C 45 -18.14 23.45 19.89
CA ALA C 45 -19.03 22.35 19.54
C ALA C 45 -20.46 22.86 19.47
N ALA C 46 -21.29 22.14 18.72
CA ALA C 46 -22.72 22.40 18.66
C ALA C 46 -23.47 21.71 19.80
N THR C 47 -23.00 20.53 20.23
CA THR C 47 -23.46 19.86 21.43
C THR C 47 -22.24 19.39 22.21
N CYS C 48 -22.43 19.15 23.50
CA CYS C 48 -21.29 18.77 24.34
C CYS C 48 -20.84 17.35 24.02
N PRO C 49 -19.54 17.10 24.00
CA PRO C 49 -19.04 15.77 23.65
C PRO C 49 -19.39 14.75 24.72
N SER C 50 -19.79 13.56 24.27
CA SER C 50 -20.05 12.46 25.18
C SER C 50 -18.79 12.12 25.96
N LYS C 51 -18.97 11.72 27.23
CA LYS C 51 -17.85 11.33 28.06
C LYS C 51 -17.60 9.83 27.93
N LYS C 52 -16.32 9.48 27.89
CA LYS C 52 -15.87 8.11 27.73
C LYS C 52 -15.19 7.70 29.04
N PRO C 53 -14.74 6.46 29.19
CA PRO C 53 -14.09 6.07 30.45
C PRO C 53 -12.80 6.84 30.70
N TYR C 54 -12.70 7.38 31.92
CA TYR C 54 -11.49 8.01 32.46
C TYR C 54 -11.09 9.27 31.68
N GLU C 55 -11.99 10.27 31.70
CA GLU C 55 -11.67 11.56 31.13
C GLU C 55 -12.66 12.60 31.63
N GLU C 56 -12.18 13.82 31.80
CA GLU C 56 -12.99 14.95 32.25
C GLU C 56 -13.52 15.71 31.04
N VAL C 57 -14.74 16.24 31.18
CA VAL C 57 -15.36 17.07 30.16
C VAL C 57 -16.03 18.26 30.85
N THR C 58 -15.76 19.46 30.35
CA THR C 58 -16.39 20.68 30.83
C THR C 58 -17.08 21.38 29.66
N CYS C 59 -18.17 22.08 29.94
CA CYS C 59 -18.88 22.83 28.92
C CYS C 59 -19.30 24.17 29.51
N CYS C 60 -19.60 25.14 28.64
CA CYS C 60 -20.05 26.46 29.11
C CYS C 60 -20.57 27.25 27.91
N SER C 61 -20.86 28.53 28.14
CA SER C 61 -21.57 29.33 27.14
C SER C 61 -21.07 30.76 27.07
N THR C 62 -20.54 31.26 28.17
CA THR C 62 -19.89 32.56 28.12
C THR C 62 -18.59 32.46 27.32
N ASP C 63 -17.86 33.56 27.25
CA ASP C 63 -16.66 33.63 26.45
C ASP C 63 -15.44 33.24 27.27
N LYS C 64 -14.56 32.43 26.67
CA LYS C 64 -13.26 32.09 27.26
C LYS C 64 -13.42 31.40 28.62
N CYS C 65 -14.45 30.57 28.75
CA CYS C 65 -14.73 29.87 29.99
C CYS C 65 -14.22 28.43 29.97
N ASN C 66 -13.32 28.11 29.06
CA ASN C 66 -12.69 26.77 29.00
C ASN C 66 -11.17 26.92 28.95
N PRO C 67 -10.58 27.57 29.94
CA PRO C 67 -9.15 27.90 29.84
C PRO C 67 -8.26 26.71 30.14
N HIS C 68 -7.01 26.85 29.73
CA HIS C 68 -5.98 25.88 30.10
C HIS C 68 -5.90 25.79 31.62
N PRO C 69 -5.66 24.59 32.18
CA PRO C 69 -5.46 24.49 33.64
C PRO C 69 -4.45 25.48 34.20
N LYS C 70 -3.28 25.62 33.57
CA LYS C 70 -2.26 26.61 33.93
C LYS C 70 -2.68 28.05 33.59
N GLN C 71 -3.91 28.23 33.11
CA GLN C 71 -4.47 29.51 32.71
C GLN C 71 -5.69 29.81 33.58
N ARG C 72 -6.24 31.01 33.44
CA ARG C 72 -7.39 31.47 34.18
C ARG C 72 -8.51 31.88 33.21
N PRO C 73 -9.78 31.87 33.66
CA PRO C 73 -10.90 32.09 32.73
C PRO C 73 -11.22 33.55 32.49
N GLY C 74 -10.19 34.39 32.35
CA GLY C 74 -10.38 35.81 32.10
C GLY C 74 -10.95 36.08 30.72
#